data_6IUP
#
_entry.id   6IUP
#
_cell.length_a   42.400
_cell.length_b   61.150
_cell.length_c   61.400
_cell.angle_alpha   90.000
_cell.angle_beta   99.220
_cell.angle_gamma   90.000
#
_symmetry.space_group_name_H-M   'P 1 21 1'
#
loop_
_entity.id
_entity.type
_entity.pdbx_description
1 polymer 'Fibroblast growth factor receptor 4'
2 non-polymer N-{4-[4-amino-3-(3,5-dimethyl-1-benzofuran-2-yl)-7-oxo-6,7-dihydro-2H-pyrazolo[3,4-d]pyridazin-2-yl]phenyl}prop-2-enamide
3 non-polymer 'DIMETHYL SULFOXIDE'
4 water water
#
_entity_poly.entity_id   1
_entity_poly.type   'polypeptide(L)'
_entity_poly.pdbx_seq_one_letter_code
;MGSSHHHHHHSSGLLAGLVSLDLPLDPLWEFPRDRLVLGKPLGEGCFGQVVRAEAFGMDPARPDQASTVAVKMLKDNASD
KDLADLVSEMEVMKLIGRHKNIINLLGVCTQEGPLYVIVECAAKGNLREFLRARRPPGPDLSPDGPRSSEGPLSFPVLVS
CAYQVARGMQYLESRKCIHRDLAARNVLVTEDNVMKIADFGLARGVHHIDYYKKTSNGRLPVKWMAPEALFDEVYTHQSD
VWSFGILLWEIFTLGGSPYPGIPVEELFSLLREGHRMDRPPHCPPELYGLMRECWHAAPSQRPTFKQLVEALDKVLLAVS
EE
;
_entity_poly.pdbx_strand_id   A
#
loop_
_chem_comp.id
_chem_comp.type
_chem_comp.name
_chem_comp.formula
AX0 non-polymer N-{4-[4-amino-3-(3,5-dimethyl-1-benzofuran-2-yl)-7-oxo-6,7-dihydro-2H-pyrazolo[3,4-d]pyridazin-2-yl]phenyl}prop-2-enamide 'C24 H20 N6 O3'
DMS non-polymer 'DIMETHYL SULFOXIDE' 'C2 H6 O S'
#
# COMPACT_ATOMS: atom_id res chain seq x y z
N LEU A 21 -5.51 -11.16 -26.24
CA LEU A 21 -5.97 -10.26 -27.29
C LEU A 21 -7.49 -10.35 -27.45
N ASP A 22 -8.02 -9.66 -28.45
CA ASP A 22 -9.47 -9.48 -28.61
C ASP A 22 -10.09 -8.84 -27.37
N LEU A 23 -9.29 -8.04 -26.63
CA LEU A 23 -9.79 -7.17 -25.58
C LEU A 23 -10.33 -5.88 -26.20
N PRO A 24 -11.36 -5.29 -25.61
CA PRO A 24 -11.89 -4.04 -26.16
C PRO A 24 -10.86 -2.92 -26.10
N LEU A 25 -10.91 -2.03 -27.10
CA LEU A 25 -10.10 -0.83 -27.13
C LEU A 25 -10.80 0.25 -26.31
N ASP A 26 -10.11 0.78 -25.31
CA ASP A 26 -10.59 1.92 -24.54
C ASP A 26 -9.69 3.10 -24.88
N PRO A 27 -10.09 4.00 -25.77
CA PRO A 27 -9.17 5.07 -26.18
C PRO A 27 -8.80 6.00 -25.04
N LEU A 28 -9.58 6.05 -23.97
CA LEU A 28 -9.26 6.90 -22.83
C LEU A 28 -7.94 6.46 -22.17
N TRP A 29 -7.58 5.18 -22.27
CA TRP A 29 -6.45 4.63 -21.54
C TRP A 29 -5.37 3.99 -22.42
N GLU A 30 -5.67 3.62 -23.65
CA GLU A 30 -4.72 2.87 -24.47
C GLU A 30 -3.49 3.71 -24.77
N PHE A 31 -2.31 3.09 -24.65
CA PHE A 31 -1.02 3.73 -24.87
C PHE A 31 -0.20 2.86 -25.82
N PRO A 32 0.47 3.43 -26.82
CA PRO A 32 1.22 2.61 -27.78
C PRO A 32 2.40 1.91 -27.12
N ARG A 33 2.47 0.58 -27.28
CA ARG A 33 3.51 -0.18 -26.61
C ARG A 33 4.91 0.18 -27.11
N ASP A 34 5.04 0.68 -28.33
CA ASP A 34 6.34 1.07 -28.84
C ASP A 34 6.86 2.36 -28.19
N ARG A 35 6.05 3.06 -27.41
CA ARG A 35 6.52 4.17 -26.59
C ARG A 35 7.03 3.72 -25.22
N LEU A 36 7.11 2.42 -24.98
CA LEU A 36 7.67 1.88 -23.76
C LEU A 36 9.03 1.25 -24.06
N VAL A 37 9.96 1.45 -23.13
CA VAL A 37 11.21 0.70 -23.10
C VAL A 37 11.24 -0.04 -21.76
N LEU A 38 11.01 -1.34 -21.78
CA LEU A 38 10.92 -2.12 -20.56
C LEU A 38 12.29 -2.22 -19.89
N GLY A 39 12.30 -2.17 -18.55
CA GLY A 39 13.56 -2.18 -17.81
C GLY A 39 13.67 -3.28 -16.78
N LYS A 40 14.34 -3.01 -15.66
CA LYS A 40 14.66 -4.03 -14.67
C LYS A 40 13.42 -4.42 -13.86
N PRO A 41 13.35 -5.68 -13.43
CA PRO A 41 12.16 -6.16 -12.70
C PRO A 41 12.00 -5.50 -11.33
N LEU A 42 10.75 -5.38 -10.90
CA LEU A 42 10.41 -4.96 -9.55
C LEU A 42 9.87 -6.15 -8.76
N GLY A 43 9.94 -6.03 -7.44
CA GLY A 43 9.53 -7.11 -6.56
C GLY A 43 10.62 -8.16 -6.39
N GLU A 44 10.36 -9.14 -5.51
CA GLU A 44 11.36 -10.16 -5.17
C GLU A 44 10.76 -11.56 -5.36
N GLY A 45 10.81 -12.07 -6.59
CA GLY A 45 10.32 -13.39 -6.90
C GLY A 45 9.04 -13.41 -7.73
N CYS A 46 8.96 -12.53 -8.72
CA CYS A 46 7.74 -12.32 -9.50
C CYS A 46 7.86 -12.84 -10.92
N PHE A 47 8.97 -13.50 -11.25
CA PHE A 47 9.18 -14.10 -12.57
C PHE A 47 9.01 -13.07 -13.68
N GLY A 48 9.53 -11.86 -13.43
CA GLY A 48 9.54 -10.79 -14.41
C GLY A 48 8.17 -10.26 -14.81
N GLN A 49 7.21 -10.27 -13.89
CA GLN A 49 5.87 -9.80 -14.19
C GLN A 49 5.71 -8.29 -14.00
N VAL A 50 6.52 -7.66 -13.19
CA VAL A 50 6.46 -6.22 -12.99
C VAL A 50 7.84 -5.64 -13.20
N VAL A 51 7.95 -4.64 -14.08
CA VAL A 51 9.24 -4.08 -14.45
C VAL A 51 9.15 -2.56 -14.40
N ARG A 52 10.29 -1.94 -14.11
CA ARG A 52 10.42 -0.51 -14.38
C ARG A 52 10.41 -0.31 -15.89
N ALA A 53 10.05 0.90 -16.32
CA ALA A 53 10.11 1.20 -17.74
C ALA A 53 10.20 2.70 -17.93
N GLU A 54 10.76 3.09 -19.08
CA GLU A 54 10.68 4.46 -19.58
C GLU A 54 9.53 4.55 -20.58
N ALA A 55 8.76 5.64 -20.49
CA ALA A 55 7.68 5.91 -21.42
C ALA A 55 7.95 7.24 -22.11
N PHE A 56 7.61 7.34 -23.39
CA PHE A 56 7.80 8.58 -24.14
C PHE A 56 6.44 9.11 -24.57
N GLY A 57 6.16 10.36 -24.21
CA GLY A 57 4.89 10.97 -24.56
C GLY A 57 3.70 10.51 -23.74
N MET A 58 3.91 10.04 -22.51
CA MET A 58 2.78 9.72 -21.65
C MET A 58 1.85 10.93 -21.54
N ASP A 59 2.45 12.13 -21.49
CA ASP A 59 1.71 13.37 -21.65
C ASP A 59 1.61 13.65 -23.15
N PRO A 60 0.43 13.59 -23.76
CA PRO A 60 0.34 13.77 -25.22
C PRO A 60 0.76 15.15 -25.69
N ALA A 61 0.87 16.14 -24.79
CA ALA A 61 1.36 17.46 -25.15
C ALA A 61 2.89 17.51 -25.24
N ARG A 62 3.59 16.51 -24.70
CA ARG A 62 5.04 16.40 -24.80
C ARG A 62 5.38 15.03 -25.37
N PRO A 63 5.08 14.80 -26.65
CA PRO A 63 5.14 13.43 -27.19
C PRO A 63 6.51 12.79 -27.14
N ASP A 64 7.57 13.58 -27.03
CA ASP A 64 8.93 13.04 -26.99
C ASP A 64 9.55 13.06 -25.60
N GLN A 65 8.79 13.46 -24.58
CA GLN A 65 9.32 13.58 -23.23
C GLN A 65 9.34 12.21 -22.55
N ALA A 66 10.46 11.89 -21.91
CA ALA A 66 10.62 10.65 -21.17
C ALA A 66 10.06 10.78 -19.76
N SER A 67 9.59 9.67 -19.23
CA SER A 67 9.15 9.56 -17.85
C SER A 67 9.40 8.14 -17.39
N THR A 68 9.53 7.94 -16.08
CA THR A 68 9.71 6.61 -15.53
C THR A 68 8.39 6.10 -14.97
N VAL A 69 8.01 4.90 -15.36
CA VAL A 69 6.74 4.28 -15.01
C VAL A 69 7.02 2.84 -14.58
N ALA A 70 5.95 2.16 -14.17
CA ALA A 70 6.02 0.77 -13.78
C ALA A 70 5.00 -0.01 -14.59
N VAL A 71 5.40 -1.19 -15.07
CA VAL A 71 4.58 -1.97 -15.99
C VAL A 71 4.35 -3.36 -15.42
N LYS A 72 3.10 -3.79 -15.40
CA LYS A 72 2.74 -5.14 -15.00
C LYS A 72 2.22 -5.90 -16.21
N MET A 73 2.66 -7.15 -16.36
CA MET A 73 2.30 -8.01 -17.49
C MET A 73 2.00 -9.42 -16.98
N LEU A 74 1.37 -10.22 -17.84
CA LEU A 74 1.07 -11.62 -17.53
C LEU A 74 2.29 -12.51 -17.72
N LYS A 75 2.16 -13.75 -17.25
CA LYS A 75 3.12 -14.83 -17.54
C LYS A 75 4.55 -14.49 -17.15
N ALA A 78 -0.21 -18.47 -19.51
CA ALA A 78 -1.09 -17.86 -18.51
C ALA A 78 -2.54 -18.27 -18.76
N SER A 79 -3.25 -18.63 -17.69
CA SER A 79 -4.59 -19.18 -17.83
C SER A 79 -5.57 -18.10 -18.27
N ASP A 80 -6.75 -18.55 -18.70
CA ASP A 80 -7.87 -17.65 -18.90
C ASP A 80 -8.17 -16.86 -17.64
N LYS A 81 -8.06 -17.51 -16.48
CA LYS A 81 -8.32 -16.83 -15.22
C LYS A 81 -7.30 -15.74 -14.96
N ASP A 82 -6.02 -16.02 -15.26
CA ASP A 82 -4.97 -15.02 -15.04
C ASP A 82 -5.24 -13.77 -15.86
N LEU A 83 -5.67 -13.92 -17.11
CA LEU A 83 -6.04 -12.76 -17.91
C LEU A 83 -7.18 -11.99 -17.25
N ALA A 84 -8.23 -12.69 -16.82
CA ALA A 84 -9.40 -12.01 -16.24
C ALA A 84 -9.04 -11.28 -14.95
N ASP A 85 -8.12 -11.85 -14.16
CA ASP A 85 -7.64 -11.19 -12.94
C ASP A 85 -6.97 -9.86 -13.27
N LEU A 86 -6.04 -9.86 -14.22
CA LEU A 86 -5.38 -8.61 -14.58
C LEU A 86 -6.35 -7.62 -15.20
N VAL A 87 -7.22 -8.10 -16.11
CA VAL A 87 -8.24 -7.23 -16.69
C VAL A 87 -9.09 -6.62 -15.58
N SER A 88 -9.47 -7.43 -14.59
CA SER A 88 -10.28 -6.90 -13.49
C SER A 88 -9.51 -5.89 -12.67
N GLU A 89 -8.23 -6.18 -12.37
CA GLU A 89 -7.38 -5.25 -11.64
C GLU A 89 -7.22 -3.92 -12.39
N MET A 90 -7.02 -4.01 -13.70
CA MET A 90 -6.97 -2.82 -14.56
C MET A 90 -8.29 -2.04 -14.47
N GLU A 91 -9.43 -2.73 -14.57
CA GLU A 91 -10.69 -2.02 -14.60
C GLU A 91 -11.01 -1.39 -13.24
N VAL A 92 -10.51 -1.99 -12.15
CA VAL A 92 -10.67 -1.40 -10.83
C VAL A 92 -9.94 -0.06 -10.76
N MET A 93 -8.71 -0.01 -11.28
CA MET A 93 -7.97 1.24 -11.24
C MET A 93 -8.63 2.29 -12.11
N LYS A 94 -9.16 1.90 -13.27
CA LYS A 94 -9.90 2.85 -14.11
C LYS A 94 -11.03 3.50 -13.33
N LEU A 95 -11.77 2.70 -12.54
CA LEU A 95 -12.97 3.17 -11.86
C LEU A 95 -12.64 4.06 -10.66
N ILE A 96 -11.53 3.79 -9.97
CA ILE A 96 -11.29 4.44 -8.69
C ILE A 96 -10.82 5.89 -8.85
N GLY A 97 -10.32 6.27 -10.03
CA GLY A 97 -9.94 7.64 -10.25
C GLY A 97 -8.63 7.96 -9.55
N ARG A 98 -8.21 9.22 -9.70
CA ARG A 98 -6.86 9.62 -9.34
C ARG A 98 -6.86 10.31 -7.98
N HIS A 99 -5.79 10.09 -7.23
CA HIS A 99 -5.54 10.79 -5.98
C HIS A 99 -4.04 10.86 -5.76
N LYS A 100 -3.60 11.95 -5.14
CA LYS A 100 -2.18 12.18 -4.90
C LYS A 100 -1.53 11.07 -4.08
N ASN A 101 -2.27 10.43 -3.18
CA ASN A 101 -1.66 9.48 -2.25
C ASN A 101 -1.99 8.02 -2.58
N ILE A 102 -2.28 7.71 -3.85
CA ILE A 102 -2.37 6.33 -4.30
C ILE A 102 -1.49 6.20 -5.55
N ILE A 103 -1.17 4.95 -5.89
CA ILE A 103 -0.45 4.64 -7.14
C ILE A 103 -1.47 4.71 -8.27
N ASN A 104 -1.31 5.69 -9.17
CA ASN A 104 -2.34 5.94 -10.17
C ASN A 104 -2.06 5.19 -11.47
N LEU A 105 -3.13 4.66 -12.06
CA LEU A 105 -3.06 4.14 -13.42
C LEU A 105 -2.70 5.26 -14.38
N LEU A 106 -1.80 4.95 -15.32
CA LEU A 106 -1.38 5.90 -16.35
C LEU A 106 -1.79 5.48 -17.75
N GLY A 107 -1.82 4.19 -18.04
CA GLY A 107 -2.24 3.73 -19.35
C GLY A 107 -2.23 2.22 -19.40
N VAL A 108 -2.71 1.71 -20.54
CA VAL A 108 -2.76 0.26 -20.76
C VAL A 108 -2.33 -0.02 -22.20
N CYS A 109 -1.77 -1.21 -22.41
CA CYS A 109 -1.49 -1.73 -23.75
C CYS A 109 -2.27 -3.03 -23.89
N THR A 110 -3.32 -2.99 -24.71
CA THR A 110 -4.25 -4.10 -24.86
C THR A 110 -4.37 -4.61 -26.28
N GLN A 111 -3.89 -3.83 -27.26
CA GLN A 111 -4.06 -4.13 -28.67
C GLN A 111 -2.73 -4.58 -29.27
N GLU A 112 -2.80 -5.59 -30.13
CA GLU A 112 -1.68 -5.99 -30.97
C GLU A 112 -0.42 -6.29 -30.15
N GLY A 113 -0.60 -7.13 -29.12
CA GLY A 113 0.51 -7.54 -28.29
C GLY A 113 0.08 -7.93 -26.89
N PRO A 114 1.06 -8.22 -26.03
CA PRO A 114 0.74 -8.64 -24.67
C PRO A 114 0.10 -7.52 -23.85
N LEU A 115 -0.75 -7.93 -22.92
CA LEU A 115 -1.45 -6.99 -22.05
C LEU A 115 -0.46 -6.35 -21.07
N TYR A 116 -0.39 -5.02 -21.07
CA TYR A 116 0.42 -4.25 -20.12
C TYR A 116 -0.47 -3.29 -19.34
N VAL A 117 -0.20 -3.14 -18.04
CA VAL A 117 -0.88 -2.17 -17.18
C VAL A 117 0.18 -1.21 -16.64
N ILE A 118 0.07 0.07 -16.98
CA ILE A 118 1.11 1.06 -16.71
C ILE A 118 0.65 1.96 -15.57
N VAL A 119 1.49 2.10 -14.54
CA VAL A 119 1.19 2.92 -13.37
C VAL A 119 2.41 3.78 -13.03
N GLU A 120 2.19 4.72 -12.11
CA GLU A 120 3.25 5.61 -11.66
C GLU A 120 4.36 4.83 -10.97
N CYS A 121 5.59 5.29 -11.18
CA CYS A 121 6.76 4.73 -10.49
C CYS A 121 7.11 5.64 -9.32
N ALA A 122 6.98 5.12 -8.11
CA ALA A 122 7.43 5.82 -6.90
C ALA A 122 8.90 5.45 -6.67
N ALA A 123 9.79 6.42 -6.89
CA ALA A 123 11.20 6.11 -7.11
C ALA A 123 11.90 5.54 -5.89
N LYS A 124 11.46 5.89 -4.68
CA LYS A 124 12.19 5.50 -3.48
C LYS A 124 11.76 4.16 -2.87
N GLY A 125 10.83 3.44 -3.50
CA GLY A 125 10.48 2.11 -3.02
C GLY A 125 9.44 2.12 -1.91
N ASN A 126 9.30 0.98 -1.23
CA ASN A 126 8.20 0.90 -0.27
C ASN A 126 8.59 1.51 1.07
N LEU A 127 7.58 1.93 1.83
CA LEU A 127 7.79 2.72 3.04
C LEU A 127 8.54 1.93 4.11
N ARG A 128 8.27 0.63 4.21
CA ARG A 128 8.98 -0.18 5.19
C ARG A 128 10.48 -0.14 4.95
N GLU A 129 10.93 -0.39 3.72
CA GLU A 129 12.36 -0.35 3.43
C GLU A 129 12.92 1.06 3.56
N PHE A 130 12.12 2.06 3.19
CA PHE A 130 12.51 3.47 3.32
C PHE A 130 12.81 3.82 4.78
N LEU A 131 11.94 3.40 5.71
CA LEU A 131 12.16 3.68 7.12
C LEU A 131 13.36 2.93 7.68
N ARG A 132 13.50 1.65 7.34
CA ARG A 132 14.58 0.86 7.94
C ARG A 132 15.95 1.34 7.48
N ALA A 133 16.06 1.79 6.22
CA ALA A 133 17.32 2.33 5.74
C ALA A 133 17.67 3.68 6.34
N ARG A 134 16.73 4.34 7.03
CA ARG A 134 16.97 5.66 7.58
C ARG A 134 16.98 5.66 9.10
N ARG A 135 17.21 4.50 9.70
CA ARG A 135 17.35 4.42 11.14
C ARG A 135 18.64 5.13 11.57
N PRO A 136 18.60 5.92 12.64
CA PRO A 136 19.72 6.74 13.12
C PRO A 136 20.92 5.91 13.56
N PRO A 146 28.57 17.44 13.92
CA PRO A 146 27.61 18.55 14.04
C PRO A 146 26.17 18.04 14.08
N ARG A 147 25.83 17.10 13.19
CA ARG A 147 24.53 16.47 13.16
C ARG A 147 24.62 14.98 13.50
N SER A 148 25.57 14.61 14.37
CA SER A 148 25.75 13.20 14.71
C SER A 148 24.53 12.63 15.41
N SER A 149 23.80 13.47 16.15
CA SER A 149 22.59 13.04 16.86
C SER A 149 21.35 13.14 15.98
N GLU A 150 21.50 13.49 14.71
CA GLU A 150 20.35 13.68 13.81
C GLU A 150 20.34 12.59 12.76
N GLY A 151 19.39 11.66 12.89
CA GLY A 151 19.09 10.75 11.80
C GLY A 151 18.25 11.44 10.74
N PRO A 152 18.06 10.75 9.62
CA PRO A 152 17.29 11.36 8.52
C PRO A 152 15.85 11.67 8.86
N LEU A 153 15.23 10.91 9.76
CA LEU A 153 13.79 10.94 9.98
C LEU A 153 13.45 11.69 11.26
N SER A 154 12.72 12.80 11.11
CA SER A 154 12.25 13.60 12.23
C SER A 154 10.78 13.30 12.51
N PHE A 155 10.34 13.65 13.72
CA PHE A 155 8.96 13.37 14.12
C PHE A 155 7.93 13.98 13.18
N PRO A 156 8.04 15.26 12.79
CA PRO A 156 7.02 15.81 11.88
C PRO A 156 6.91 15.07 10.56
N VAL A 157 8.03 14.59 10.03
CA VAL A 157 7.97 13.88 8.75
C VAL A 157 7.36 12.49 8.92
N LEU A 158 7.59 11.85 10.08
CA LEU A 158 6.90 10.59 10.37
C LEU A 158 5.39 10.81 10.47
N VAL A 159 4.98 11.87 11.16
CA VAL A 159 3.55 12.18 11.24
C VAL A 159 2.99 12.48 9.85
N SER A 160 3.76 13.21 9.02
CA SER A 160 3.31 13.48 7.66
C SER A 160 3.11 12.19 6.87
N CYS A 161 4.01 11.22 7.02
CA CYS A 161 3.82 9.93 6.33
C CYS A 161 2.51 9.28 6.74
N ALA A 162 2.20 9.27 8.04
CA ALA A 162 0.95 8.68 8.50
C ALA A 162 -0.26 9.45 7.98
N TYR A 163 -0.18 10.79 8.01
CA TYR A 163 -1.28 11.61 7.51
C TYR A 163 -1.55 11.34 6.03
N GLN A 164 -0.50 11.26 5.22
CA GLN A 164 -0.69 11.04 3.79
C GLN A 164 -1.35 9.69 3.51
N VAL A 165 -0.93 8.63 4.21
CA VAL A 165 -1.57 7.33 4.04
C VAL A 165 -3.04 7.41 4.43
N ALA A 166 -3.34 8.08 5.55
CA ALA A 166 -4.73 8.26 5.98
C ALA A 166 -5.55 8.97 4.91
N ARG A 167 -4.98 10.01 4.30
CA ARG A 167 -5.68 10.72 3.23
C ARG A 167 -5.92 9.82 2.02
N GLY A 168 -4.89 9.06 1.63
CA GLY A 168 -5.08 8.09 0.54
C GLY A 168 -6.18 7.11 0.84
N MET A 169 -6.17 6.55 2.07
CA MET A 169 -7.18 5.57 2.47
C MET A 169 -8.57 6.19 2.53
N GLN A 170 -8.68 7.42 3.04
CA GLN A 170 -9.96 8.12 3.02
C GLN A 170 -10.50 8.26 1.59
N TYR A 171 -9.61 8.56 0.63
CA TYR A 171 -10.05 8.59 -0.77
C TYR A 171 -10.55 7.23 -1.22
N LEU A 172 -9.76 6.18 -0.99
CA LEU A 172 -10.14 4.83 -1.43
C LEU A 172 -11.48 4.41 -0.83
N GLU A 173 -11.71 4.72 0.45
CA GLU A 173 -12.99 4.42 1.08
C GLU A 173 -14.14 5.19 0.42
N SER A 174 -13.93 6.48 0.11
CA SER A 174 -14.96 7.24 -0.59
C SER A 174 -15.29 6.64 -1.95
N ARG A 175 -14.39 5.83 -2.53
CA ARG A 175 -14.66 5.11 -3.76
CA ARG A 175 -14.68 5.11 -3.77
C ARG A 175 -15.02 3.65 -3.50
N LYS A 176 -15.40 3.32 -2.26
CA LYS A 176 -15.89 1.99 -1.87
C LYS A 176 -14.85 0.90 -2.11
N CYS A 177 -13.58 1.24 -1.91
CA CYS A 177 -12.47 0.30 -2.07
C CYS A 177 -11.93 -0.08 -0.70
N ILE A 178 -11.99 -1.37 -0.38
CA ILE A 178 -11.32 -1.92 0.81
C ILE A 178 -10.00 -2.52 0.37
N HIS A 179 -8.91 -2.13 1.02
CA HIS A 179 -7.59 -2.55 0.57
C HIS A 179 -7.32 -4.00 0.92
N ARG A 180 -7.48 -4.37 2.20
CA ARG A 180 -7.46 -5.72 2.79
C ARG A 180 -6.05 -6.21 3.12
N ASP A 181 -4.99 -5.52 2.70
CA ASP A 181 -3.65 -5.79 3.23
C ASP A 181 -2.86 -4.49 3.31
N LEU A 182 -3.42 -3.53 4.04
CA LEU A 182 -2.73 -2.26 4.26
C LEU A 182 -1.55 -2.45 5.20
N ALA A 183 -0.37 -2.08 4.74
CA ALA A 183 0.88 -2.29 5.47
C ALA A 183 1.93 -1.36 4.88
N ALA A 184 2.96 -1.08 5.68
CA ALA A 184 4.03 -0.21 5.19
C ALA A 184 4.65 -0.74 3.91
N ARG A 185 4.73 -2.07 3.75
CA ARG A 185 5.29 -2.65 2.54
C ARG A 185 4.46 -2.33 1.31
N ASN A 186 3.18 -2.01 1.49
CA ASN A 186 2.28 -1.67 0.40
C ASN A 186 2.04 -0.16 0.27
N VAL A 187 2.93 0.65 0.85
CA VAL A 187 2.95 2.09 0.63
C VAL A 187 4.28 2.40 -0.03
N LEU A 188 4.22 3.12 -1.15
CA LEU A 188 5.42 3.45 -1.91
C LEU A 188 5.72 4.92 -1.72
N VAL A 189 6.99 5.28 -1.90
CA VAL A 189 7.48 6.61 -1.57
C VAL A 189 8.07 7.23 -2.84
N THR A 190 7.59 8.42 -3.20
CA THR A 190 8.06 9.08 -4.42
C THR A 190 9.36 9.83 -4.14
N GLU A 191 9.97 10.32 -5.24
CA GLU A 191 11.16 11.16 -5.17
C GLU A 191 11.00 12.34 -4.22
N ASP A 192 9.76 12.79 -4.00
CA ASP A 192 9.49 13.91 -3.11
C ASP A 192 8.94 13.50 -1.77
N ASN A 193 9.12 12.24 -1.38
CA ASN A 193 8.63 11.70 -0.11
C ASN A 193 7.11 11.80 0.02
N VAL A 194 6.38 11.67 -1.09
CA VAL A 194 4.93 11.55 -1.04
C VAL A 194 4.57 10.08 -0.87
N MET A 195 3.63 9.79 0.03
CA MET A 195 3.16 8.42 0.20
C MET A 195 2.11 8.09 -0.87
N LYS A 196 2.22 6.89 -1.45
CA LYS A 196 1.25 6.41 -2.43
C LYS A 196 0.88 4.98 -2.11
N ILE A 197 -0.39 4.75 -1.76
CA ILE A 197 -0.89 3.42 -1.47
C ILE A 197 -0.91 2.58 -2.76
N ALA A 198 -0.36 1.38 -2.67
CA ALA A 198 -0.21 0.51 -3.83
C ALA A 198 -1.05 -0.76 -3.65
N ASP A 199 -1.45 -1.34 -4.77
CA ASP A 199 -2.13 -2.63 -4.80
C ASP A 199 -3.49 -2.60 -4.07
N PHE A 200 -4.18 -1.46 -4.08
CA PHE A 200 -5.55 -1.39 -3.58
C PHE A 200 -6.51 -2.17 -4.45
N GLY A 201 -6.13 -2.48 -5.69
CA GLY A 201 -7.00 -3.20 -6.59
C GLY A 201 -6.54 -4.60 -6.91
N LEU A 202 -5.63 -5.15 -6.09
CA LEU A 202 -5.11 -6.49 -6.32
C LEU A 202 -6.03 -7.55 -5.72
N ALA A 203 -6.18 -8.67 -6.43
CA ALA A 203 -6.95 -9.80 -5.90
C ALA A 203 -6.25 -10.39 -4.69
N ARG A 204 -7.02 -10.64 -3.63
CA ARG A 204 -6.44 -11.02 -2.34
C ARG A 204 -6.77 -12.46 -1.93
N GLY A 205 -7.63 -13.15 -2.68
CA GLY A 205 -7.99 -14.52 -2.38
C GLY A 205 -8.28 -14.72 -0.90
N VAL A 206 -9.21 -13.94 -0.36
CA VAL A 206 -9.40 -13.89 1.08
C VAL A 206 -9.96 -15.19 1.64
N HIS A 207 -10.43 -16.10 0.80
CA HIS A 207 -10.97 -17.36 1.27
C HIS A 207 -9.94 -18.47 1.26
N HIS A 208 -8.70 -18.18 0.90
CA HIS A 208 -7.67 -19.20 0.93
C HIS A 208 -6.33 -18.57 1.32
N ILE A 209 -6.32 -17.89 2.46
CA ILE A 209 -5.08 -17.31 3.00
C ILE A 209 -4.41 -18.35 3.88
N ASP A 210 -3.15 -18.65 3.57
CA ASP A 210 -2.29 -19.45 4.45
C ASP A 210 -1.84 -18.53 5.58
N TYR A 211 -2.47 -18.65 6.75
CA TYR A 211 -2.16 -17.74 7.85
C TYR A 211 -0.71 -17.91 8.34
N TYR A 212 -0.10 -19.07 8.15
CA TYR A 212 1.30 -19.27 8.49
C TYR A 212 2.26 -18.79 7.40
N LYS A 213 1.76 -18.27 6.28
CA LYS A 213 2.61 -17.91 5.16
C LYS A 213 3.60 -16.82 5.55
N LYS A 214 4.87 -17.07 5.25
CA LYS A 214 5.93 -16.08 5.44
C LYS A 214 6.45 -15.71 4.06
N THR A 215 6.50 -14.40 3.77
CA THR A 215 6.94 -13.95 2.46
C THR A 215 8.46 -14.12 2.33
N SER A 216 8.97 -13.94 1.11
CA SER A 216 10.41 -14.12 0.94
C SER A 216 11.22 -13.10 1.73
N ASN A 217 10.61 -11.97 2.13
CA ASN A 217 11.27 -11.01 3.01
C ASN A 217 11.05 -11.30 4.49
N GLY A 218 10.38 -12.39 4.84
CA GLY A 218 10.14 -12.71 6.23
C GLY A 218 8.88 -12.13 6.83
N ARG A 219 8.01 -11.53 6.03
CA ARG A 219 6.78 -10.92 6.54
C ARG A 219 5.70 -11.98 6.76
N LEU A 220 4.96 -11.83 7.86
CA LEU A 220 3.78 -12.65 8.16
C LEU A 220 2.52 -11.80 8.01
N PRO A 221 1.89 -11.77 6.83
CA PRO A 221 0.77 -10.82 6.62
C PRO A 221 -0.42 -10.99 7.56
N VAL A 222 -0.59 -12.16 8.19
CA VAL A 222 -1.66 -12.31 9.19
C VAL A 222 -1.53 -11.27 10.30
N LYS A 223 -0.33 -10.73 10.52
CA LYS A 223 -0.13 -9.76 11.60
C LYS A 223 -0.76 -8.41 11.34
N TRP A 224 -1.27 -8.18 10.13
CA TRP A 224 -1.96 -6.93 9.80
C TRP A 224 -3.48 -7.10 9.76
N MET A 225 -3.99 -8.31 9.93
CA MET A 225 -5.41 -8.57 9.72
C MET A 225 -6.24 -8.21 10.95
N ALA A 226 -7.34 -7.50 10.73
CA ALA A 226 -8.30 -7.24 11.79
C ALA A 226 -8.90 -8.57 12.27
N PRO A 227 -9.28 -8.65 13.55
CA PRO A 227 -9.84 -9.92 14.06
C PRO A 227 -11.05 -10.40 13.30
N GLU A 228 -11.95 -9.50 12.91
CA GLU A 228 -13.14 -9.93 12.20
C GLU A 228 -12.77 -10.51 10.84
N ALA A 229 -11.71 -10.02 10.22
CA ALA A 229 -11.23 -10.62 8.97
C ALA A 229 -10.59 -11.97 9.22
N LEU A 230 -9.64 -12.02 10.15
CA LEU A 230 -8.93 -13.27 10.42
C LEU A 230 -9.86 -14.36 10.94
N PHE A 231 -10.71 -14.02 11.90
CA PHE A 231 -11.56 -15.04 12.53
C PHE A 231 -12.86 -15.26 11.77
N ASP A 232 -13.50 -14.20 11.29
CA ASP A 232 -14.84 -14.30 10.72
C ASP A 232 -14.89 -14.05 9.22
N GLU A 233 -13.74 -13.82 8.57
CA GLU A 233 -13.67 -13.56 7.13
C GLU A 233 -14.55 -12.39 6.72
N VAL A 234 -14.70 -11.41 7.60
CA VAL A 234 -15.45 -10.18 7.33
C VAL A 234 -14.46 -9.04 7.12
N TYR A 235 -14.62 -8.29 6.02
CA TYR A 235 -13.86 -7.08 5.78
C TYR A 235 -14.79 -5.89 5.62
N THR A 236 -14.46 -4.79 6.31
CA THR A 236 -15.07 -3.47 6.10
C THR A 236 -13.95 -2.44 6.00
N HIS A 237 -14.33 -1.18 5.77
CA HIS A 237 -13.34 -0.11 5.89
C HIS A 237 -12.75 -0.05 7.29
N GLN A 238 -13.51 -0.51 8.29
CA GLN A 238 -12.99 -0.50 9.66
C GLN A 238 -11.92 -1.56 9.85
N SER A 239 -11.96 -2.66 9.08
CA SER A 239 -10.85 -3.62 9.08
C SER A 239 -9.57 -2.97 8.55
N ASP A 240 -9.69 -2.16 7.49
CA ASP A 240 -8.56 -1.39 7.02
C ASP A 240 -8.04 -0.44 8.11
N VAL A 241 -8.95 0.12 8.92
CA VAL A 241 -8.52 1.02 9.99
C VAL A 241 -7.63 0.25 10.98
N TRP A 242 -8.01 -0.99 11.32
CA TRP A 242 -7.15 -1.82 12.15
C TRP A 242 -5.74 -1.94 11.54
N SER A 243 -5.67 -2.29 10.26
CA SER A 243 -4.36 -2.41 9.60
C SER A 243 -3.60 -1.09 9.61
N PHE A 244 -4.32 0.04 9.48
CA PHE A 244 -3.65 1.33 9.55
C PHE A 244 -2.99 1.53 10.91
N GLY A 245 -3.65 1.09 11.98
CA GLY A 245 -3.02 1.10 13.29
C GLY A 245 -1.71 0.33 13.32
N ILE A 246 -1.70 -0.86 12.71
CA ILE A 246 -0.44 -1.61 12.62
C ILE A 246 0.58 -0.81 11.81
N LEU A 247 0.14 -0.17 10.73
CA LEU A 247 1.02 0.64 9.91
C LEU A 247 1.56 1.83 10.70
N LEU A 248 0.73 2.46 11.55
CA LEU A 248 1.24 3.50 12.44
C LEU A 248 2.38 2.98 13.30
N TRP A 249 2.22 1.76 13.83
CA TRP A 249 3.26 1.17 14.66
C TRP A 249 4.54 0.95 13.86
N GLU A 250 4.41 0.52 12.60
CA GLU A 250 5.58 0.37 11.74
C GLU A 250 6.28 1.70 11.52
N ILE A 251 5.51 2.77 11.27
CA ILE A 251 6.14 4.08 11.07
C ILE A 251 6.95 4.47 12.29
N PHE A 252 6.38 4.36 13.48
CA PHE A 252 7.05 4.93 14.64
C PHE A 252 8.03 3.97 15.29
N THR A 253 8.17 2.76 14.76
CA THR A 253 9.35 1.93 15.01
C THR A 253 10.33 1.98 13.84
N LEU A 254 10.14 2.92 12.90
CA LEU A 254 11.02 3.07 11.73
C LEU A 254 11.14 1.73 11.00
N GLY A 255 9.98 1.14 10.72
CA GLY A 255 9.91 -0.11 10.00
C GLY A 255 10.05 -1.38 10.83
N GLY A 256 9.65 -1.36 12.10
CA GLY A 256 9.74 -2.59 12.88
C GLY A 256 8.71 -3.62 12.45
N SER A 257 9.02 -4.87 12.77
CA SER A 257 8.10 -5.98 12.51
C SER A 257 7.10 -6.10 13.66
N PRO A 258 5.80 -6.09 13.40
CA PRO A 258 4.83 -6.10 14.51
C PRO A 258 4.84 -7.44 15.25
N TYR A 259 4.26 -7.41 16.45
CA TYR A 259 4.25 -8.52 17.40
C TYR A 259 5.62 -9.21 17.39
N PRO A 260 6.69 -8.50 17.77
CA PRO A 260 8.05 -9.06 17.60
C PRO A 260 8.21 -10.34 18.39
N GLY A 261 8.75 -11.36 17.71
CA GLY A 261 9.01 -12.64 18.35
C GLY A 261 7.80 -13.54 18.55
N ILE A 262 6.61 -13.12 18.13
CA ILE A 262 5.39 -13.89 18.36
C ILE A 262 5.08 -14.68 17.09
N PRO A 263 5.23 -15.99 17.11
CA PRO A 263 4.84 -16.80 15.94
C PRO A 263 3.32 -16.83 15.78
N VAL A 264 2.90 -17.29 14.60
CA VAL A 264 1.49 -17.20 14.21
C VAL A 264 0.59 -17.97 15.20
N GLU A 265 1.03 -19.15 15.65
CA GLU A 265 0.20 -19.94 16.56
C GLU A 265 -0.08 -19.18 17.84
N GLU A 266 0.93 -18.49 18.36
CA GLU A 266 0.75 -17.69 19.56
C GLU A 266 -0.06 -16.43 19.28
N LEU A 267 0.09 -15.85 18.10
CA LEU A 267 -0.71 -14.68 17.74
C LEU A 267 -2.20 -15.00 17.80
N PHE A 268 -2.58 -16.18 17.30
CA PHE A 268 -3.98 -16.61 17.38
C PHE A 268 -4.49 -16.55 18.82
N SER A 269 -3.76 -17.16 19.75
CA SER A 269 -4.27 -17.21 21.12
C SER A 269 -4.19 -15.84 21.79
N LEU A 270 -3.16 -15.04 21.48
CA LEU A 270 -3.06 -13.71 22.06
C LEU A 270 -4.20 -12.81 21.60
N LEU A 271 -4.54 -12.85 20.30
CA LEU A 271 -5.67 -12.04 19.84
C LEU A 271 -6.99 -12.50 20.45
N ARG A 272 -7.14 -13.80 20.69
CA ARG A 272 -8.36 -14.26 21.36
C ARG A 272 -8.45 -13.73 22.78
N GLU A 273 -7.31 -13.50 23.43
CA GLU A 273 -7.26 -12.88 24.74
C GLU A 273 -7.26 -11.35 24.70
N GLY A 274 -7.27 -10.73 23.52
CA GLY A 274 -7.30 -9.28 23.44
C GLY A 274 -5.96 -8.59 23.53
N HIS A 275 -4.87 -9.31 23.29
CA HIS A 275 -3.51 -8.75 23.38
C HIS A 275 -3.33 -7.62 22.36
N ARG A 276 -2.54 -6.62 22.76
CA ARG A 276 -2.19 -5.50 21.90
C ARG A 276 -0.70 -5.22 22.03
N MET A 277 -0.11 -4.66 20.97
CA MET A 277 1.29 -4.30 21.01
C MET A 277 1.55 -3.20 22.03
N ASP A 278 2.75 -3.24 22.63
CA ASP A 278 3.22 -2.20 23.55
C ASP A 278 3.45 -0.89 22.81
N ARG A 279 3.51 0.19 23.60
CA ARG A 279 3.92 1.49 23.07
C ARG A 279 5.38 1.44 22.64
N PRO A 280 5.70 1.85 21.42
CA PRO A 280 7.09 1.83 20.97
C PRO A 280 7.92 2.90 21.67
N PRO A 281 9.24 2.71 21.78
CA PRO A 281 10.09 3.77 22.34
C PRO A 281 10.04 5.02 21.46
N HIS A 282 10.30 6.17 22.07
CA HIS A 282 10.37 7.44 21.35
C HIS A 282 9.10 7.67 20.53
N CYS A 283 7.95 7.43 21.15
CA CYS A 283 6.66 7.57 20.48
C CYS A 283 5.76 8.33 21.44
N PRO A 284 5.30 9.53 21.11
CA PRO A 284 4.50 10.30 22.07
C PRO A 284 3.16 9.61 22.30
N PRO A 285 2.52 9.90 23.44
CA PRO A 285 1.28 9.19 23.76
C PRO A 285 0.14 9.49 22.79
N GLU A 286 0.15 10.66 22.13
CA GLU A 286 -0.87 10.96 21.13
C GLU A 286 -0.93 9.89 20.05
N LEU A 287 0.25 9.43 19.58
CA LEU A 287 0.29 8.48 18.48
C LEU A 287 -0.01 7.06 18.93
N TYR A 288 0.51 6.64 20.09
CA TYR A 288 0.12 5.34 20.63
C TYR A 288 -1.36 5.32 20.95
N GLY A 289 -1.90 6.46 21.40
CA GLY A 289 -3.34 6.58 21.56
C GLY A 289 -4.08 6.26 20.28
N LEU A 290 -3.66 6.86 19.16
CA LEU A 290 -4.30 6.57 17.86
C LEU A 290 -4.18 5.09 17.50
N MET A 291 -2.98 4.50 17.70
CA MET A 291 -2.80 3.08 17.46
C MET A 291 -3.83 2.24 18.23
N ARG A 292 -3.95 2.47 19.54
CA ARG A 292 -4.84 1.64 20.33
C ARG A 292 -6.30 1.84 19.94
N GLU A 293 -6.69 3.08 19.58
CA GLU A 293 -8.04 3.28 19.07
C GLU A 293 -8.29 2.43 17.83
N CYS A 294 -7.32 2.39 16.92
CA CYS A 294 -7.47 1.62 15.70
C CYS A 294 -7.60 0.14 15.95
N TRP A 295 -7.15 -0.33 17.12
CA TRP A 295 -7.24 -1.75 17.49
C TRP A 295 -8.35 -2.02 18.50
N HIS A 296 -9.32 -1.13 18.65
CA HIS A 296 -10.45 -1.47 19.51
C HIS A 296 -11.17 -2.68 18.91
N ALA A 297 -11.66 -3.55 19.80
CA ALA A 297 -12.28 -4.79 19.36
C ALA A 297 -13.48 -4.54 18.46
N ALA A 298 -14.42 -3.72 18.91
CA ALA A 298 -15.60 -3.41 18.10
C ALA A 298 -15.19 -2.50 16.96
N PRO A 299 -15.46 -2.87 15.70
CA PRO A 299 -15.06 -2.00 14.60
C PRO A 299 -15.68 -0.60 14.65
N SER A 300 -16.89 -0.45 15.19
CA SER A 300 -17.47 0.89 15.26
C SER A 300 -16.80 1.76 16.33
N GLN A 301 -16.00 1.18 17.22
CA GLN A 301 -15.23 1.93 18.19
C GLN A 301 -13.81 2.25 17.72
N ARG A 302 -13.46 1.87 16.51
CA ARG A 302 -12.26 2.41 15.90
C ARG A 302 -12.58 3.72 15.19
N PRO A 303 -11.61 4.64 15.09
CA PRO A 303 -11.86 5.87 14.31
C PRO A 303 -12.14 5.53 12.86
N THR A 304 -12.87 6.42 12.17
CA THR A 304 -12.89 6.34 10.71
C THR A 304 -11.63 6.95 10.12
N PHE A 305 -11.39 6.68 8.84
CA PHE A 305 -10.25 7.34 8.19
C PHE A 305 -10.41 8.85 8.18
N LYS A 306 -11.64 9.34 8.03
CA LYS A 306 -11.86 10.78 8.10
C LYS A 306 -11.42 11.34 9.46
N GLN A 307 -11.77 10.64 10.53
CA GLN A 307 -11.34 11.08 11.85
C GLN A 307 -9.82 11.00 12.00
N LEU A 308 -9.19 9.97 11.42
CA LEU A 308 -7.74 9.84 11.54
C LEU A 308 -7.01 10.97 10.82
N VAL A 309 -7.51 11.34 9.64
CA VAL A 309 -6.96 12.46 8.89
C VAL A 309 -6.99 13.73 9.73
N GLU A 310 -8.13 14.01 10.35
CA GLU A 310 -8.28 15.22 11.16
C GLU A 310 -7.39 15.16 12.40
N ALA A 311 -7.32 14.00 13.06
CA ALA A 311 -6.51 13.86 14.26
C ALA A 311 -5.03 14.08 13.95
N LEU A 312 -4.55 13.45 12.87
CA LEU A 312 -3.15 13.59 12.50
C LEU A 312 -2.88 14.99 11.97
N ASP A 313 -3.86 15.62 11.32
CA ASP A 313 -3.70 16.99 10.87
C ASP A 313 -3.43 17.92 12.06
N LYS A 314 -4.16 17.71 13.16
CA LYS A 314 -3.95 18.53 14.35
C LYS A 314 -2.54 18.37 14.91
N VAL A 315 -2.02 17.14 14.89
CA VAL A 315 -0.65 16.92 15.37
C VAL A 315 0.36 17.61 14.45
N LEU A 316 0.17 17.50 13.13
CA LEU A 316 1.07 18.16 12.19
C LEU A 316 1.05 19.68 12.37
N LEU A 317 -0.13 20.27 12.58
CA LEU A 317 -0.21 21.71 12.81
C LEU A 317 0.37 22.12 14.16
N ALA A 318 0.38 21.20 15.14
CA ALA A 318 1.06 21.48 16.40
C ALA A 318 2.57 21.57 16.24
N VAL A 319 3.08 21.23 15.05
CA VAL A 319 4.38 21.62 14.42
C VAL A 319 5.33 20.45 14.38
C13 AX0 B . 8.25 0.82 -6.56
C17 AX0 B . 6.10 1.20 -8.27
C20 AX0 B . 5.70 -1.41 -7.85
C21 AX0 B . 4.57 -1.67 -8.67
C24 AX0 B . 2.96 -1.85 -11.95
C26 AX0 B . 0.73 -2.53 -11.23
C28 AX0 B . 1.14 -2.54 -9.90
C01 AX0 B . 5.15 -11.31 -6.75
C02 AX0 B . 5.02 -10.20 -6.01
C03 AX0 B . 5.17 -8.84 -6.64
C06 AX0 B . 5.87 -6.30 -6.23
C07 AX0 B . 5.95 -5.91 -7.57
C08 AX0 B . 6.12 -4.58 -7.91
C09 AX0 B . 6.21 -3.63 -6.89
C12 AX0 B . 7.42 -0.28 -6.89
C19 AX0 B . 6.36 -0.13 -7.73
C23 AX0 B . 3.38 -1.84 -10.60
C25 AX0 B . 1.61 -2.20 -12.26
C27 AX0 B . -0.65 -2.90 -11.58
C29 AX0 B . 2.53 -2.17 -9.59
C30 AX0 B . 3.27 -2.07 -8.33
C31 AX0 B . 2.73 -2.36 -6.98
C32 AX0 B . 6.14 -4.02 -5.55
C33 AX0 B . 5.97 -5.33 -5.22
N05 AX0 B . 5.67 -7.72 -5.79
N10 AX0 B . 6.41 -2.28 -7.11
N11 AX0 B . 7.46 -1.62 -6.51
N15 AX0 B . 7.98 2.06 -7.10
N16 AX0 B . 6.90 2.22 -7.94
N18 AX0 B . 4.97 1.39 -9.14
O04 AX0 B . 4.89 -8.69 -7.78
O14 AX0 B . 9.20 0.67 -5.79
O22 AX0 B . 4.62 -1.54 -10.03
S DMS C . 1.90 -6.50 -7.70
O DMS C . 0.94 -5.48 -8.13
C1 DMS C . 2.68 -6.41 -6.08
C2 DMS C . 2.29 -7.87 -8.83
#